data_3ZI5
#
_entry.id   3ZI5
#
_cell.length_a   175.180
_cell.length_b   175.180
_cell.length_c   35.789
_cell.angle_alpha   90.00
_cell.angle_beta   90.00
_cell.angle_gamma   120.00
#
_symmetry.space_group_name_H-M   'P 65'
#
loop_
_entity.id
_entity.type
_entity.pdbx_description
1 polymer 'RESTRICTION ENDONUCLEASE'
2 polymer "5'-D(*AP*GP*CP*AP*CP*TP*GP*GP*GP*TP*CP*GP)-3'"
3 polymer "5'-D(*CP*GP*AP*CP*CP*CP*AP*GP*TP*GP*CP*TP)-3'"
4 water water
#
loop_
_entity_poly.entity_id
_entity_poly.type
_entity_poly.pdbx_seq_one_letter_code
_entity_poly.pdbx_strand_id
1 'polypeptide(L)'
;LDETERVTLIVTLGHADTARIQAAPGTTAGQGTQYFWLSKDSYDFFPPLTIRNRRGTKATYSSLINMNYIDINYTDTQCR
VTFEAENNFDFRLGTGKLRYTGVAKSNDIAAITRVGDSDYELRIIKQGTPEHSQLDPYAVSFIGNRGKRFGYISNEEFGR
IIGVTF
;
A,D
2 'polydeoxyribonucleotide' (DA)(DG)(DC)(DA)(DC)(DT)(DG)(DG)(DG)(DT)(DC)(DG) B,E
3 'polydeoxyribonucleotide' (DC)(DG)(DA)(DC)(DC)(DC)(DA)(DG)(DT)(DG)(DC)(DT) C,F
#
loop_
_chem_comp.id
_chem_comp.type
_chem_comp.name
_chem_comp.formula
DA DNA linking 2'-DEOXYADENOSINE-5'-MONOPHOSPHATE 'C10 H14 N5 O6 P'
DC DNA linking 2'-DEOXYCYTIDINE-5'-MONOPHOSPHATE 'C9 H14 N3 O7 P'
DG DNA linking 2'-DEOXYGUANOSINE-5'-MONOPHOSPHATE 'C10 H14 N5 O7 P'
DT DNA linking THYMIDINE-5'-MONOPHOSPHATE 'C10 H15 N2 O8 P'
#
# COMPACT_ATOMS: atom_id res chain seq x y z
N LEU A 1 -11.48 -0.18 3.49
CA LEU A 1 -11.78 1.24 3.57
C LEU A 1 -13.26 1.46 3.89
N ASP A 2 -13.52 1.95 5.09
CA ASP A 2 -14.89 2.19 5.55
C ASP A 2 -15.58 3.20 4.64
N GLU A 3 -16.88 3.07 4.49
CA GLU A 3 -17.68 3.96 3.65
C GLU A 3 -17.46 5.43 4.03
N THR A 4 -17.29 5.67 5.33
CA THR A 4 -17.10 7.00 5.86
C THR A 4 -15.76 7.60 5.42
N GLU A 5 -14.84 6.74 5.00
CA GLU A 5 -13.49 7.19 4.69
C GLU A 5 -13.23 7.24 3.18
N ARG A 6 -14.24 6.90 2.39
CA ARG A 6 -14.13 7.04 0.94
C ARG A 6 -14.41 8.48 0.54
N VAL A 7 -13.49 9.38 0.87
CA VAL A 7 -13.66 10.80 0.59
C VAL A 7 -12.52 11.36 -0.25
N THR A 8 -12.71 12.59 -0.72
CA THR A 8 -11.73 13.28 -1.54
C THR A 8 -11.23 14.53 -0.83
N LEU A 9 -9.91 14.65 -0.76
CA LEU A 9 -9.28 15.83 -0.19
C LEU A 9 -9.11 16.91 -1.25
N ILE A 10 -9.77 18.03 -1.04
CA ILE A 10 -9.68 19.18 -1.93
C ILE A 10 -8.81 20.25 -1.31
N VAL A 11 -7.78 20.69 -2.04
CA VAL A 11 -6.87 21.71 -1.52
C VAL A 11 -6.48 22.73 -2.58
N THR A 12 -6.53 24.00 -2.22
CA THR A 12 -6.12 25.07 -3.13
C THR A 12 -4.60 25.16 -3.20
N LEU A 13 -4.07 25.12 -4.43
CA LEU A 13 -2.62 25.08 -4.64
C LEU A 13 -1.98 26.46 -4.60
N GLY A 14 -0.78 26.52 -4.03
CA GLY A 14 -0.04 27.77 -3.94
C GLY A 14 1.14 27.80 -4.88
N HIS A 15 2.08 28.71 -4.61
CA HIS A 15 3.26 28.84 -5.47
C HIS A 15 4.24 27.70 -5.29
N ALA A 16 4.64 27.45 -4.05
CA ALA A 16 5.60 26.39 -3.77
C ALA A 16 5.07 25.03 -4.18
N ASP A 17 3.75 24.91 -4.22
CA ASP A 17 3.09 23.68 -4.62
C ASP A 17 3.28 23.39 -6.11
N THR A 18 3.43 24.44 -6.89
CA THR A 18 3.45 24.30 -8.35
C THR A 18 4.71 24.86 -9.01
N ALA A 19 5.69 25.23 -8.19
CA ALA A 19 6.88 25.92 -8.66
C ALA A 19 7.69 25.08 -9.64
N ARG A 20 7.77 23.79 -9.37
CA ARG A 20 8.53 22.87 -10.21
C ARG A 20 7.67 22.32 -11.34
N ILE A 21 6.36 22.36 -11.15
CA ILE A 21 5.42 21.96 -12.18
C ILE A 21 5.43 22.97 -13.32
N GLN A 22 5.52 24.25 -12.96
CA GLN A 22 5.47 25.34 -13.93
C GLN A 22 6.84 25.64 -14.54
N ALA A 23 7.90 25.29 -13.82
CA ALA A 23 9.25 25.71 -14.20
C ALA A 23 9.73 25.06 -15.48
N ALA A 24 10.70 25.71 -16.12
CA ALA A 24 11.35 25.20 -17.31
C ALA A 24 12.55 24.36 -16.90
N PRO A 25 12.89 23.34 -17.70
CA PRO A 25 14.02 22.45 -17.41
C PRO A 25 15.34 23.20 -17.26
N GLY A 26 16.11 22.84 -16.23
CA GLY A 26 17.41 23.44 -16.01
C GLY A 26 17.37 24.72 -15.20
N THR A 27 16.16 25.16 -14.87
CA THR A 27 15.99 26.35 -14.05
C THR A 27 16.14 25.95 -12.58
N THR A 28 16.62 26.89 -11.76
CA THR A 28 16.70 26.67 -10.32
C THR A 28 15.32 26.48 -9.74
N ALA A 29 14.34 27.12 -10.37
CA ALA A 29 12.94 27.00 -9.96
C ALA A 29 12.48 25.55 -10.09
N GLY A 30 12.99 24.85 -11.10
CA GLY A 30 12.65 23.45 -11.31
C GLY A 30 13.63 22.50 -10.66
N GLN A 31 14.27 22.95 -9.58
CA GLN A 31 15.18 22.10 -8.83
C GLN A 31 14.56 21.68 -7.50
N GLY A 32 14.89 20.47 -7.08
CA GLY A 32 14.40 19.96 -5.81
C GLY A 32 13.23 19.02 -5.97
N THR A 33 12.71 18.55 -4.84
CA THR A 33 11.60 17.60 -4.86
C THR A 33 10.26 18.32 -4.92
N GLN A 34 9.36 17.80 -5.76
CA GLN A 34 8.05 18.38 -5.95
C GLN A 34 7.00 17.76 -5.03
N TYR A 35 6.42 18.58 -4.16
CA TYR A 35 5.32 18.14 -3.30
C TYR A 35 4.10 19.02 -3.47
N PHE A 36 2.99 18.54 -2.91
CA PHE A 36 1.88 19.39 -2.52
C PHE A 36 1.87 19.43 -1.00
N TRP A 37 2.00 20.62 -0.42
CA TRP A 37 2.00 20.75 1.03
C TRP A 37 0.57 20.68 1.57
N LEU A 38 0.34 19.68 2.42
CA LEU A 38 -0.98 19.43 2.99
C LEU A 38 -1.01 19.87 4.45
N SER A 39 -2.19 19.75 5.06
CA SER A 39 -2.33 20.03 6.48
C SER A 39 -1.78 18.88 7.31
N LYS A 40 -1.21 19.19 8.46
CA LYS A 40 -0.68 18.17 9.34
C LYS A 40 -1.80 17.32 9.94
N ASP A 41 -3.01 17.85 9.91
CA ASP A 41 -4.17 17.16 10.46
C ASP A 41 -4.75 16.16 9.47
N SER A 42 -4.21 16.11 8.26
CA SER A 42 -4.73 15.24 7.22
C SER A 42 -4.04 13.88 7.19
N TYR A 43 -3.23 13.59 8.20
CA TYR A 43 -2.49 12.34 8.22
C TYR A 43 -3.42 11.13 8.37
N ASP A 44 -4.61 11.36 8.91
CA ASP A 44 -5.60 10.30 9.06
C ASP A 44 -6.29 9.99 7.73
N PHE A 45 -5.93 10.75 6.69
CA PHE A 45 -6.43 10.51 5.35
C PHE A 45 -5.50 9.54 4.61
N PHE A 46 -4.36 9.24 5.26
CA PHE A 46 -3.32 8.42 4.65
C PHE A 46 -3.00 7.19 5.49
N PRO A 47 -2.37 6.17 4.86
CA PRO A 47 -1.90 4.99 5.59
C PRO A 47 -0.94 5.33 6.73
N PRO A 48 -0.76 4.42 7.69
CA PRO A 48 0.14 4.63 8.82
C PRO A 48 1.55 5.08 8.40
N LEU A 49 1.94 6.27 8.85
CA LEU A 49 3.28 6.80 8.57
C LEU A 49 4.32 6.05 9.38
N THR A 50 4.73 4.89 8.88
CA THR A 50 5.63 4.01 9.63
C THR A 50 7.03 3.96 9.04
N ILE A 51 7.15 4.25 7.76
CA ILE A 51 8.45 4.23 7.08
C ILE A 51 9.34 5.36 7.58
N ARG A 52 10.52 5.00 8.08
CA ARG A 52 11.42 5.97 8.68
C ARG A 52 12.52 6.41 7.73
N ASN A 53 13.12 7.56 8.03
CA ASN A 53 14.23 8.08 7.24
C ASN A 53 15.49 7.25 7.44
N ARG A 54 16.05 6.74 6.35
CA ARG A 54 17.30 5.99 6.42
C ARG A 54 18.43 6.93 6.83
N ARG A 55 18.83 7.82 5.93
CA ARG A 55 19.82 8.82 6.28
C ARG A 55 19.14 10.01 6.97
N GLY A 56 19.94 10.92 7.49
CA GLY A 56 19.42 12.05 8.22
C GLY A 56 19.39 11.78 9.71
N THR A 57 19.53 12.83 10.50
CA THR A 57 19.51 12.70 11.95
C THR A 57 18.13 13.03 12.51
N LYS A 58 17.37 13.82 11.76
CA LYS A 58 16.02 14.20 12.17
C LYS A 58 15.01 13.17 11.68
N ALA A 59 13.95 12.98 12.46
CA ALA A 59 12.96 11.95 12.16
C ALA A 59 11.94 12.41 11.12
N THR A 60 11.69 11.55 10.15
CA THR A 60 10.60 11.74 9.21
C THR A 60 9.77 10.47 9.17
N TYR A 61 8.46 10.62 9.24
CA TYR A 61 7.56 9.46 9.26
C TYR A 61 6.74 9.44 7.98
N SER A 62 7.04 8.47 7.12
CA SER A 62 6.51 8.47 5.77
C SER A 62 5.64 7.25 5.48
N SER A 63 4.85 7.34 4.42
CA SER A 63 4.05 6.23 3.93
C SER A 63 4.08 6.18 2.42
N LEU A 64 4.08 4.97 1.87
CA LEU A 64 4.07 4.79 0.43
C LEU A 64 2.68 4.45 -0.07
N ILE A 65 2.23 5.18 -1.08
CA ILE A 65 0.89 4.99 -1.62
C ILE A 65 0.91 4.88 -3.14
N ASN A 66 -0.14 4.27 -3.68
CA ASN A 66 -0.37 4.23 -5.11
C ASN A 66 -1.13 5.45 -5.56
N MET A 67 -0.45 6.38 -6.25
CA MET A 67 -1.10 7.59 -6.71
C MET A 67 -1.42 7.50 -8.19
N ASN A 68 -2.69 7.62 -8.53
CA ASN A 68 -3.09 7.63 -9.93
C ASN A 68 -3.20 9.05 -10.46
N TYR A 69 -2.08 9.57 -10.95
CA TYR A 69 -2.08 10.82 -11.71
C TYR A 69 -3.00 10.66 -12.90
N ILE A 70 -4.20 11.22 -12.77
CA ILE A 70 -5.24 11.09 -13.78
C ILE A 70 -4.95 11.94 -15.01
N ASP A 71 -4.36 13.11 -14.79
CA ASP A 71 -4.14 14.06 -15.86
C ASP A 71 -3.02 13.64 -16.81
N ILE A 72 -2.23 12.66 -16.40
CA ILE A 72 -1.15 12.16 -17.26
C ILE A 72 -1.19 10.64 -17.38
N ASN A 73 -2.29 10.04 -16.94
CA ASN A 73 -2.50 8.60 -17.06
C ASN A 73 -1.35 7.76 -16.50
N TYR A 74 -0.98 8.00 -15.24
CA TYR A 74 0.15 7.27 -14.67
C TYR A 74 -0.06 6.92 -13.20
N THR A 75 0.10 5.65 -12.86
CA THR A 75 -0.05 5.21 -11.48
C THR A 75 1.29 4.92 -10.83
N ASP A 76 1.76 5.85 -10.01
CA ASP A 76 3.02 5.69 -9.29
C ASP A 76 2.79 4.90 -8.00
N THR A 77 3.34 3.69 -7.95
CA THR A 77 3.20 2.84 -6.77
C THR A 77 4.12 3.30 -5.64
N GLN A 78 4.92 4.32 -5.91
CA GLN A 78 5.90 4.80 -4.95
C GLN A 78 5.67 6.26 -4.59
N CYS A 79 4.41 6.67 -4.49
CA CYS A 79 4.11 8.04 -4.10
C CYS A 79 4.30 8.20 -2.60
N ARG A 80 5.31 8.97 -2.22
CA ARG A 80 5.66 9.11 -0.81
C ARG A 80 4.96 10.29 -0.15
N VAL A 81 4.29 10.03 0.98
CA VAL A 81 3.74 11.10 1.80
C VAL A 81 4.52 11.16 3.12
N THR A 82 5.08 12.34 3.41
CA THR A 82 6.05 12.45 4.49
C THR A 82 5.73 13.54 5.50
N PHE A 83 5.85 13.22 6.78
CA PHE A 83 5.70 14.20 7.84
C PHE A 83 7.06 14.52 8.47
N GLU A 84 7.56 15.72 8.18
CA GLU A 84 8.83 16.17 8.75
C GLU A 84 8.68 16.48 10.23
N ALA A 85 8.62 15.41 11.04
CA ALA A 85 8.30 15.53 12.46
C ALA A 85 9.30 16.36 13.25
N GLU A 86 10.58 16.04 13.13
CA GLU A 86 11.60 16.72 13.93
C GLU A 86 12.23 17.92 13.22
N ASN A 87 11.72 18.24 12.04
CA ASN A 87 12.25 19.38 11.30
C ASN A 87 11.36 20.61 11.40
N ASN A 88 10.37 20.70 10.52
CA ASN A 88 9.52 21.89 10.44
C ASN A 88 8.02 21.55 10.36
N PHE A 89 7.67 20.33 10.71
CA PHE A 89 6.26 19.89 10.76
C PHE A 89 5.57 19.99 9.40
N ASP A 90 6.36 19.97 8.32
CA ASP A 90 5.81 19.89 6.98
C ASP A 90 5.07 18.58 6.79
N PHE A 91 3.90 18.63 6.14
CA PHE A 91 3.24 17.42 5.71
C PHE A 91 3.14 17.43 4.19
N ARG A 92 4.00 16.65 3.56
CA ARG A 92 4.20 16.72 2.12
C ARG A 92 3.62 15.53 1.38
N LEU A 93 2.96 15.80 0.26
CA LEU A 93 2.45 14.75 -0.62
C LEU A 93 3.24 14.75 -1.92
N GLY A 94 4.09 13.75 -2.10
CA GLY A 94 4.92 13.66 -3.28
C GLY A 94 4.15 13.67 -4.59
N THR A 95 4.53 14.58 -5.48
CA THR A 95 3.85 14.74 -6.76
C THR A 95 4.84 14.95 -7.90
N GLY A 96 5.99 14.28 -7.81
CA GLY A 96 7.10 14.51 -8.74
C GLY A 96 6.81 14.30 -10.21
N LYS A 97 5.78 13.51 -10.52
CA LYS A 97 5.46 13.19 -11.90
C LYS A 97 4.85 14.37 -12.66
N LEU A 98 4.49 15.42 -11.93
CA LEU A 98 3.91 16.61 -12.55
C LEU A 98 4.97 17.68 -12.81
N ARG A 99 6.22 17.35 -12.49
CA ARG A 99 7.33 18.26 -12.75
C ARG A 99 7.46 18.55 -14.24
N TYR A 100 7.67 19.83 -14.57
CA TYR A 100 7.88 20.26 -15.95
C TYR A 100 6.68 20.00 -16.86
N THR A 101 5.53 19.70 -16.27
CA THR A 101 4.34 19.39 -17.07
C THR A 101 3.45 20.62 -17.23
N GLY A 102 3.46 21.49 -16.23
CA GLY A 102 2.71 22.73 -16.27
C GLY A 102 1.21 22.53 -16.31
N VAL A 103 0.73 21.49 -15.63
CA VAL A 103 -0.69 21.20 -15.61
C VAL A 103 -1.39 21.93 -14.47
N ALA A 104 -0.60 22.48 -13.56
CA ALA A 104 -1.14 23.16 -12.40
C ALA A 104 -0.33 24.40 -12.02
N LYS A 105 -1.04 25.46 -11.67
CA LYS A 105 -0.40 26.67 -11.16
C LYS A 105 -1.12 27.12 -9.88
N SER A 106 -0.81 28.33 -9.43
CA SER A 106 -1.44 28.88 -8.24
C SER A 106 -2.94 29.00 -8.42
N ASN A 107 -3.66 28.88 -7.30
CA ASN A 107 -5.12 29.00 -7.27
C ASN A 107 -5.85 27.91 -8.06
N ASP A 108 -5.10 26.95 -8.59
CA ASP A 108 -5.71 25.74 -9.11
C ASP A 108 -6.07 24.86 -7.92
N ILE A 109 -6.95 23.89 -8.13
CA ILE A 109 -7.35 23.01 -7.04
C ILE A 109 -6.88 21.58 -7.27
N ALA A 110 -6.19 21.04 -6.27
CA ALA A 110 -5.82 19.64 -6.26
C ALA A 110 -6.92 18.81 -5.61
N ALA A 111 -7.36 17.79 -6.33
CA ALA A 111 -8.37 16.85 -5.84
C ALA A 111 -7.76 15.47 -5.69
N ILE A 112 -7.63 15.03 -4.43
CA ILE A 112 -7.00 13.76 -4.11
C ILE A 112 -8.04 12.77 -3.58
N THR A 113 -8.52 11.89 -4.46
CA THR A 113 -9.59 10.97 -4.12
C THR A 113 -9.08 9.65 -3.56
N ARG A 114 -9.52 9.30 -2.37
CA ARG A 114 -9.14 8.02 -1.77
C ARG A 114 -10.08 6.92 -2.23
N VAL A 115 -9.54 5.97 -2.98
CA VAL A 115 -10.35 4.89 -3.55
C VAL A 115 -9.97 3.53 -2.95
N GLY A 116 -9.10 3.55 -1.95
CA GLY A 116 -8.69 2.34 -1.27
C GLY A 116 -7.90 2.69 -0.02
N ASP A 117 -7.45 1.67 0.71
CA ASP A 117 -6.66 1.89 1.90
C ASP A 117 -5.34 2.58 1.56
N SER A 118 -4.76 2.18 0.44
CA SER A 118 -3.48 2.75 0.01
C SER A 118 -3.54 3.25 -1.43
N ASP A 119 -4.75 3.36 -1.97
CA ASP A 119 -4.93 3.76 -3.36
C ASP A 119 -5.58 5.13 -3.48
N TYR A 120 -4.99 5.98 -4.31
CA TYR A 120 -5.45 7.36 -4.46
C TYR A 120 -5.43 7.79 -5.92
N GLU A 121 -6.23 8.80 -6.25
CA GLU A 121 -6.24 9.38 -7.59
C GLU A 121 -6.04 10.89 -7.49
N LEU A 122 -5.16 11.43 -8.32
CA LEU A 122 -4.89 12.86 -8.30
C LEU A 122 -5.40 13.56 -9.54
N ARG A 123 -6.28 14.54 -9.35
CA ARG A 123 -6.80 15.35 -10.44
C ARG A 123 -6.51 16.82 -10.21
N ILE A 124 -6.09 17.51 -11.27
CA ILE A 124 -5.91 18.95 -11.20
C ILE A 124 -7.16 19.65 -11.69
N ILE A 125 -7.76 20.45 -10.82
CA ILE A 125 -8.96 21.20 -11.18
C ILE A 125 -8.59 22.63 -11.53
N LYS A 126 -8.50 22.91 -12.83
CA LYS A 126 -8.06 24.22 -13.30
C LYS A 126 -9.04 25.32 -12.96
N GLN A 127 -8.50 26.48 -12.60
CA GLN A 127 -9.32 27.66 -12.31
C GLN A 127 -10.06 28.14 -13.55
N GLY A 128 -11.28 28.61 -13.35
CA GLY A 128 -12.09 29.08 -14.46
C GLY A 128 -13.09 28.04 -14.95
N THR A 129 -12.96 26.83 -14.42
CA THR A 129 -13.85 25.74 -14.78
C THR A 129 -15.01 25.65 -13.80
N PRO A 130 -16.19 25.23 -14.28
CA PRO A 130 -17.36 25.04 -13.40
C PRO A 130 -17.07 24.07 -12.25
N GLU A 131 -16.26 23.06 -12.53
CA GLU A 131 -15.84 22.10 -11.52
C GLU A 131 -15.10 22.80 -10.39
N HIS A 132 -14.21 23.71 -10.77
CA HIS A 132 -13.45 24.51 -9.80
C HIS A 132 -14.38 25.35 -8.95
N SER A 133 -15.40 25.92 -9.60
CA SER A 133 -16.38 26.76 -8.90
C SER A 133 -17.18 25.95 -7.89
N GLN A 134 -17.53 24.73 -8.26
CA GLN A 134 -18.36 23.89 -7.39
C GLN A 134 -17.54 23.19 -6.31
N LEU A 135 -16.24 23.07 -6.53
CA LEU A 135 -15.36 22.37 -5.58
C LEU A 135 -14.74 23.32 -4.57
N ASP A 136 -14.50 24.56 -4.99
CA ASP A 136 -13.85 25.56 -4.13
C ASP A 136 -14.50 25.76 -2.75
N PRO A 137 -15.85 25.81 -2.68
CA PRO A 137 -16.43 26.01 -1.34
C PRO A 137 -16.19 24.86 -0.36
N TYR A 138 -15.88 23.67 -0.86
CA TYR A 138 -15.64 22.53 0.01
C TYR A 138 -14.32 22.67 0.77
N ALA A 139 -13.46 23.56 0.28
CA ALA A 139 -12.22 23.87 0.97
C ALA A 139 -12.48 24.96 2.00
N VAL A 140 -12.92 24.56 3.19
CA VAL A 140 -13.33 25.52 4.21
C VAL A 140 -12.23 25.80 5.24
N SER A 141 -11.36 24.82 5.46
CA SER A 141 -10.34 24.94 6.49
C SER A 141 -9.13 25.73 5.99
N PHE A 142 -8.81 26.81 6.69
CA PHE A 142 -7.67 27.66 6.34
C PHE A 142 -6.37 27.19 6.96
N ILE A 143 -5.37 26.97 6.12
CA ILE A 143 -4.02 26.67 6.58
C ILE A 143 -3.00 27.54 5.86
N GLY A 144 -1.86 27.72 6.51
CA GLY A 144 -0.78 28.53 5.96
C GLY A 144 -0.98 30.01 6.22
N ASN A 145 0.00 30.80 5.81
CA ASN A 145 -0.09 32.25 5.91
C ASN A 145 -0.22 32.87 4.52
N ARG A 146 -0.49 32.03 3.53
CA ARG A 146 -0.67 32.48 2.16
C ARG A 146 -2.10 32.18 1.70
N GLY A 147 -2.93 31.77 2.65
CA GLY A 147 -4.33 31.54 2.40
C GLY A 147 -4.66 30.23 1.70
N LYS A 148 -4.05 29.14 2.14
CA LYS A 148 -4.39 27.85 1.57
C LYS A 148 -5.70 27.38 2.21
N ARG A 149 -6.54 26.72 1.42
CA ARG A 149 -7.78 26.18 1.96
C ARG A 149 -7.94 24.72 1.57
N PHE A 150 -8.38 23.91 2.52
CA PHE A 150 -8.61 22.50 2.23
C PHE A 150 -9.90 22.01 2.88
N GLY A 151 -10.34 20.84 2.46
CA GLY A 151 -11.53 20.23 3.02
C GLY A 151 -11.76 18.89 2.38
N TYR A 152 -12.82 18.19 2.81
CA TYR A 152 -13.13 16.90 2.23
C TYR A 152 -14.52 16.88 1.62
N ILE A 153 -14.71 16.01 0.64
CA ILE A 153 -16.03 15.85 0.03
C ILE A 153 -16.27 14.36 -0.24
N SER A 154 -17.51 13.92 -0.11
CA SER A 154 -17.82 12.51 -0.39
C SER A 154 -17.46 12.20 -1.83
N ASN A 155 -16.96 10.99 -2.06
CA ASN A 155 -16.60 10.55 -3.42
C ASN A 155 -17.79 10.61 -4.37
N GLU A 156 -18.98 10.42 -3.81
CA GLU A 156 -20.23 10.53 -4.55
C GLU A 156 -20.39 11.90 -5.18
N GLU A 157 -20.47 12.93 -4.35
CA GLU A 157 -20.73 14.29 -4.81
C GLU A 157 -19.61 14.81 -5.70
N PHE A 158 -18.37 14.48 -5.36
CA PHE A 158 -17.23 14.83 -6.20
C PHE A 158 -17.40 14.21 -7.58
N GLY A 159 -17.76 12.93 -7.57
CA GLY A 159 -18.01 12.19 -8.80
C GLY A 159 -19.11 12.83 -9.64
N ARG A 160 -20.13 13.36 -8.98
CA ARG A 160 -21.19 14.08 -9.68
C ARG A 160 -20.66 15.35 -10.31
N ILE A 161 -19.89 16.11 -9.54
CA ILE A 161 -19.39 17.41 -9.98
C ILE A 161 -18.44 17.28 -11.17
N ILE A 162 -17.62 16.22 -11.17
CA ILE A 162 -16.68 16.05 -12.27
C ILE A 162 -17.14 15.00 -13.28
N GLY A 163 -18.30 14.41 -13.02
CA GLY A 163 -18.87 13.42 -13.94
C GLY A 163 -18.05 12.15 -14.03
N VAL A 164 -17.78 11.53 -12.89
CA VAL A 164 -16.96 10.32 -12.82
C VAL A 164 -17.52 9.32 -11.82
N THR A 165 -17.56 8.05 -12.22
CA THR A 165 -18.05 6.99 -11.35
C THR A 165 -16.95 6.42 -10.46
N PHE A 166 -17.22 6.34 -9.16
CA PHE A 166 -16.34 5.67 -8.22
C PHE A 166 -17.04 4.49 -7.58
N LEU D 1 -5.27 -2.79 -10.42
CA LEU D 1 -4.97 -4.21 -10.47
C LEU D 1 -5.63 -4.87 -11.67
N ASP D 2 -4.81 -5.37 -12.59
CA ASP D 2 -5.32 -6.08 -13.77
C ASP D 2 -6.02 -7.37 -13.32
N GLU D 3 -7.08 -7.75 -14.01
CA GLU D 3 -7.86 -8.91 -13.62
C GLU D 3 -7.05 -10.20 -13.77
N THR D 4 -6.07 -10.17 -14.66
CA THR D 4 -5.17 -11.30 -14.83
C THR D 4 -4.34 -11.49 -13.56
N GLU D 5 -4.13 -10.41 -12.83
CA GLU D 5 -3.33 -10.44 -11.62
C GLU D 5 -4.20 -10.64 -10.38
N ARG D 6 -5.50 -10.79 -10.60
CA ARG D 6 -6.43 -11.10 -9.51
C ARG D 6 -6.40 -12.59 -9.20
N VAL D 7 -5.29 -13.07 -8.67
CA VAL D 7 -5.13 -14.48 -8.37
C VAL D 7 -4.81 -14.73 -6.90
N THR D 8 -4.87 -15.99 -6.51
CA THR D 8 -4.59 -16.41 -5.15
C THR D 8 -3.41 -17.37 -5.12
N LEU D 9 -2.43 -17.04 -4.30
CA LEU D 9 -1.24 -17.87 -4.12
C LEU D 9 -1.49 -18.93 -3.06
N ILE D 10 -1.49 -20.19 -3.49
CA ILE D 10 -1.69 -21.32 -2.59
C ILE D 10 -0.35 -22.03 -2.33
N VAL D 11 0.00 -22.20 -1.07
CA VAL D 11 1.27 -22.81 -0.72
C VAL D 11 1.16 -23.72 0.50
N THR D 12 1.77 -24.91 0.41
CA THR D 12 1.75 -25.86 1.51
C THR D 12 2.77 -25.49 2.59
N LEU D 13 2.30 -25.34 3.82
CA LEU D 13 3.15 -24.91 4.93
C LEU D 13 4.05 -26.03 5.43
N GLY D 14 5.19 -25.66 5.99
CA GLY D 14 6.13 -26.62 6.53
C GLY D 14 6.32 -26.49 8.03
N HIS D 15 7.50 -26.86 8.51
CA HIS D 15 7.80 -26.76 9.93
C HIS D 15 8.07 -25.33 10.36
N ALA D 16 9.07 -24.71 9.74
CA ALA D 16 9.48 -23.35 10.09
C ALA D 16 8.37 -22.33 9.85
N ASP D 17 7.49 -22.64 8.91
CA ASP D 17 6.36 -21.78 8.62
C ASP D 17 5.43 -21.63 9.82
N THR D 18 5.26 -22.72 10.56
CA THR D 18 4.24 -22.79 11.60
C THR D 18 4.81 -23.01 13.00
N ALA D 19 6.14 -23.00 13.10
CA ALA D 19 6.82 -23.33 14.36
C ALA D 19 6.41 -22.40 15.50
N ARG D 20 6.40 -21.10 15.22
CA ARG D 20 6.06 -20.10 16.23
C ARG D 20 4.55 -19.95 16.38
N ILE D 21 3.81 -20.44 15.39
CA ILE D 21 2.35 -20.47 15.46
C ILE D 21 1.91 -21.56 16.43
N GLN D 22 2.65 -22.66 16.43
CA GLN D 22 2.30 -23.82 17.25
C GLN D 22 2.97 -23.81 18.62
N ALA D 23 4.06 -23.05 18.74
CA ALA D 23 4.86 -23.07 19.96
C ALA D 23 4.11 -22.46 21.14
N ALA D 24 4.50 -22.87 22.34
CA ALA D 24 3.97 -22.31 23.57
C ALA D 24 4.76 -21.06 23.93
N PRO D 25 4.11 -20.11 24.63
CA PRO D 25 4.80 -18.88 25.05
C PRO D 25 6.03 -19.15 25.91
N GLY D 26 7.11 -18.44 25.66
CA GLY D 26 8.32 -18.57 26.45
C GLY D 26 9.26 -19.64 25.94
N THR D 27 8.78 -20.47 25.02
CA THR D 27 9.62 -21.49 24.41
C THR D 27 10.57 -20.83 23.42
N THR D 28 11.75 -21.40 23.26
CA THR D 28 12.70 -20.91 22.27
C THR D 28 12.13 -21.12 20.87
N ALA D 29 11.23 -22.08 20.76
CA ALA D 29 10.56 -22.37 19.50
C ALA D 29 9.71 -21.19 19.06
N GLY D 30 9.10 -20.51 20.03
CA GLY D 30 8.26 -19.36 19.74
C GLY D 30 9.02 -18.04 19.76
N GLN D 31 10.34 -18.13 19.64
CA GLN D 31 11.17 -16.93 19.59
C GLN D 31 11.51 -16.56 18.16
N GLY D 32 11.62 -15.26 17.90
CA GLY D 32 11.99 -14.77 16.58
C GLY D 32 10.80 -14.31 15.77
N THR D 33 11.06 -13.84 14.55
CA THR D 33 10.02 -13.34 13.68
C THR D 33 9.31 -14.45 12.93
N GLN D 34 7.99 -14.36 12.86
CA GLN D 34 7.16 -15.34 12.19
C GLN D 34 6.98 -15.01 10.72
N TYR D 35 7.46 -15.89 9.84
CA TYR D 35 7.23 -15.76 8.42
C TYR D 35 6.54 -16.98 7.83
N PHE D 36 5.97 -16.80 6.65
CA PHE D 36 5.70 -17.91 5.73
C PHE D 36 6.70 -17.75 4.59
N TRP D 37 7.51 -18.79 4.36
CA TRP D 37 8.50 -18.73 3.30
C TRP D 37 7.90 -19.05 1.95
N LEU D 38 7.99 -18.10 1.03
CA LEU D 38 7.45 -18.26 -0.31
C LEU D 38 8.57 -18.41 -1.32
N SER D 39 8.21 -18.65 -2.58
CA SER D 39 9.19 -18.75 -3.65
C SER D 39 9.79 -17.39 -3.97
N LYS D 40 11.05 -17.38 -4.35
CA LYS D 40 11.72 -16.14 -4.74
C LYS D 40 11.12 -15.60 -6.04
N ASP D 41 10.47 -16.48 -6.79
CA ASP D 41 9.88 -16.12 -8.07
C ASP D 41 8.46 -15.57 -7.90
N SER D 42 8.01 -15.47 -6.66
CA SER D 42 6.67 -14.98 -6.38
C SER D 42 6.67 -13.47 -6.10
N TYR D 43 7.82 -12.83 -6.28
CA TYR D 43 7.95 -11.41 -5.96
C TYR D 43 7.10 -10.53 -6.86
N ASP D 44 6.73 -11.04 -8.04
CA ASP D 44 5.89 -10.29 -8.96
C ASP D 44 4.42 -10.36 -8.55
N PHE D 45 4.15 -11.08 -7.46
CA PHE D 45 2.81 -11.17 -6.92
C PHE D 45 2.58 -10.06 -5.89
N PHE D 46 3.67 -9.38 -5.54
CA PHE D 46 3.64 -8.33 -4.53
C PHE D 46 4.08 -6.99 -5.09
N PRO D 47 3.71 -5.88 -4.40
CA PRO D 47 4.16 -4.53 -4.76
C PRO D 47 5.68 -4.43 -4.88
N PRO D 48 6.17 -3.37 -5.55
CA PRO D 48 7.61 -3.15 -5.71
C PRO D 48 8.36 -3.19 -4.38
N LEU D 49 9.31 -4.12 -4.27
CA LEU D 49 10.14 -4.24 -3.07
C LEU D 49 11.15 -3.09 -3.04
N THR D 50 10.72 -1.93 -2.57
CA THR D 50 11.55 -0.73 -2.62
C THR D 50 12.02 -0.29 -1.23
N ILE D 51 11.40 -0.81 -0.19
CA ILE D 51 11.79 -0.46 1.17
C ILE D 51 13.10 -1.15 1.55
N ARG D 52 14.14 -0.36 1.75
CA ARG D 52 15.46 -0.91 2.06
C ARG D 52 15.67 -1.06 3.56
N ASN D 53 16.72 -1.77 3.92
CA ASN D 53 17.06 -2.00 5.32
C ASN D 53 17.72 -0.77 5.94
N ARG D 54 17.15 -0.27 7.03
CA ARG D 54 17.73 0.84 7.75
C ARG D 54 19.07 0.42 8.34
N ARG D 55 19.02 -0.42 9.37
CA ARG D 55 20.25 -0.99 9.91
C ARG D 55 20.61 -2.24 9.13
N GLY D 56 21.82 -2.75 9.35
CA GLY D 56 22.28 -3.93 8.63
C GLY D 56 23.16 -3.56 7.45
N THR D 57 24.07 -4.46 7.09
CA THR D 57 24.96 -4.24 5.98
C THR D 57 24.43 -4.88 4.71
N LYS D 58 23.94 -6.11 4.83
CA LYS D 58 23.43 -6.86 3.70
C LYS D 58 22.06 -6.35 3.28
N ALA D 59 21.87 -6.18 1.98
CA ALA D 59 20.69 -5.53 1.46
C ALA D 59 19.43 -6.39 1.54
N THR D 60 18.36 -5.79 2.04
CA THR D 60 17.03 -6.41 2.01
C THR D 60 16.08 -5.48 1.26
N TYR D 61 15.23 -6.05 0.43
CA TYR D 61 14.26 -5.27 -0.34
C TYR D 61 12.86 -5.69 0.03
N SER D 62 12.13 -4.79 0.69
CA SER D 62 10.86 -5.15 1.30
C SER D 62 9.69 -4.32 0.77
N SER D 63 8.49 -4.80 1.07
CA SER D 63 7.27 -4.06 0.77
C SER D 63 6.27 -4.22 1.90
N LEU D 64 5.61 -3.14 2.25
CA LEU D 64 4.54 -3.18 3.24
C LEU D 64 3.20 -3.34 2.54
N ILE D 65 2.41 -4.30 2.99
CA ILE D 65 1.11 -4.57 2.39
C ILE D 65 0.03 -4.68 3.44
N ASN D 66 -1.21 -4.51 2.98
CA ASN D 66 -2.39 -4.69 3.82
C ASN D 66 -2.82 -6.15 3.82
N MET D 67 -2.46 -6.88 4.86
CA MET D 67 -2.82 -8.30 4.94
C MET D 67 -4.06 -8.50 5.79
N ASN D 68 -5.11 -9.04 5.17
CA ASN D 68 -6.34 -9.33 5.89
C ASN D 68 -6.37 -10.77 6.41
N TYR D 69 -5.72 -10.98 7.55
CA TYR D 69 -5.87 -12.21 8.31
C TYR D 69 -7.36 -12.51 8.52
N ILE D 70 -7.86 -13.47 7.78
CA ILE D 70 -9.28 -13.82 7.79
C ILE D 70 -9.66 -14.66 9.00
N ASP D 71 -8.78 -15.59 9.37
CA ASP D 71 -9.10 -16.55 10.43
C ASP D 71 -9.06 -15.94 11.82
N ILE D 72 -8.59 -14.70 11.93
CA ILE D 72 -8.56 -14.02 13.23
C ILE D 72 -9.16 -12.62 13.16
N ASN D 73 -9.77 -12.31 12.03
CA ASN D 73 -10.45 -11.02 11.83
C ASN D 73 -9.53 -9.84 12.12
N TYR D 74 -8.48 -9.68 11.32
CA TYR D 74 -7.57 -8.57 11.54
C TYR D 74 -6.86 -8.16 10.26
N THR D 75 -6.67 -6.87 10.06
CA THR D 75 -5.94 -6.40 8.87
C THR D 75 -4.69 -5.65 9.26
N ASP D 76 -3.55 -6.32 9.14
CA ASP D 76 -2.26 -5.70 9.42
C ASP D 76 -1.83 -4.87 8.22
N THR D 77 -1.87 -3.55 8.37
CA THR D 77 -1.45 -2.63 7.31
C THR D 77 0.07 -2.61 7.19
N GLN D 78 0.73 -3.30 8.10
CA GLN D 78 2.19 -3.32 8.14
C GLN D 78 2.74 -4.70 7.83
N CYS D 79 2.09 -5.43 6.93
CA CYS D 79 2.56 -6.77 6.60
C CYS D 79 3.80 -6.71 5.72
N ARG D 80 4.95 -7.05 6.29
CA ARG D 80 6.21 -6.89 5.59
C ARG D 80 6.61 -8.13 4.80
N VAL D 81 6.76 -7.96 3.49
CA VAL D 81 7.29 -9.03 2.64
C VAL D 81 8.73 -8.66 2.24
N THR D 82 9.66 -9.56 2.52
CA THR D 82 11.08 -9.22 2.41
C THR D 82 11.92 -10.22 1.63
N PHE D 83 12.68 -9.73 0.65
CA PHE D 83 13.63 -10.56 -0.07
C PHE D 83 15.04 -10.33 0.45
N GLU D 84 15.59 -11.36 1.10
CA GLU D 84 16.96 -11.30 1.61
C GLU D 84 17.96 -11.40 0.47
N ALA D 85 18.15 -10.28 -0.23
CA ALA D 85 18.94 -10.26 -1.46
C ALA D 85 20.40 -10.61 -1.26
N GLU D 86 21.05 -9.93 -0.31
CA GLU D 86 22.48 -10.13 -0.09
C GLU D 86 22.77 -11.15 1.01
N ASN D 87 21.74 -11.79 1.52
CA ASN D 87 21.91 -12.76 2.60
C ASN D 87 21.79 -14.20 2.12
N ASN D 88 20.58 -14.75 2.17
CA ASN D 88 20.36 -16.16 1.84
C ASN D 88 19.24 -16.38 0.84
N PHE D 89 18.89 -15.33 0.09
CA PHE D 89 17.87 -15.41 -0.95
C PHE D 89 16.50 -15.83 -0.43
N ASP D 90 16.26 -15.58 0.86
CA ASP D 90 14.95 -15.83 1.44
C ASP D 90 13.92 -14.88 0.86
N PHE D 91 12.70 -15.37 0.67
CA PHE D 91 11.57 -14.51 0.36
C PHE D 91 10.48 -14.76 1.40
N ARG D 92 10.34 -13.82 2.33
CA ARG D 92 9.54 -14.04 3.52
C ARG D 92 8.27 -13.21 3.53
N LEU D 93 7.17 -13.83 3.96
CA LEU D 93 5.92 -13.11 4.16
C LEU D 93 5.63 -12.99 5.65
N GLY D 94 5.60 -11.75 6.15
CA GLY D 94 5.31 -11.51 7.55
C GLY D 94 3.94 -12.02 7.94
N THR D 95 3.90 -12.91 8.93
CA THR D 95 2.66 -13.47 9.43
C THR D 95 2.64 -13.50 10.95
N GLY D 96 3.25 -12.49 11.57
CA GLY D 96 3.44 -12.46 13.00
C GLY D 96 2.18 -12.41 13.84
N LYS D 97 1.05 -12.11 13.22
CA LYS D 97 -0.23 -12.03 13.92
C LYS D 97 -0.78 -13.43 14.23
N LEU D 98 -0.16 -14.45 13.65
CA LEU D 98 -0.60 -15.82 13.86
C LEU D 98 0.24 -16.52 14.92
N ARG D 99 1.15 -15.77 15.53
CA ARG D 99 2.00 -16.29 16.58
C ARG D 99 1.18 -16.75 17.78
N TYR D 100 1.53 -17.92 18.32
CA TYR D 100 0.88 -18.49 19.50
C TYR D 100 -0.61 -18.74 19.32
N THR D 101 -1.07 -18.77 18.07
CA THR D 101 -2.49 -18.97 17.79
C THR D 101 -2.81 -20.43 17.51
N GLY D 102 -1.84 -21.13 16.92
CA GLY D 102 -1.99 -22.55 16.63
C GLY D 102 -3.05 -22.84 15.59
N VAL D 103 -3.25 -21.91 14.66
CA VAL D 103 -4.26 -22.07 13.62
C VAL D 103 -3.70 -22.82 12.42
N ALA D 104 -2.39 -23.03 12.41
CA ALA D 104 -1.75 -23.68 11.29
C ALA D 104 -0.60 -24.59 11.72
N LYS D 105 -0.51 -25.75 11.08
CA LYS D 105 0.63 -26.65 11.28
C LYS D 105 1.15 -27.13 9.93
N SER D 106 2.12 -28.03 9.96
CA SER D 106 2.71 -28.55 8.74
C SER D 106 1.67 -29.22 7.85
N ASN D 107 1.88 -29.12 6.54
CA ASN D 107 0.99 -29.70 5.53
C ASN D 107 -0.39 -29.07 5.47
N ASP D 108 -0.62 -28.05 6.29
CA ASP D 108 -1.79 -27.19 6.09
C ASP D 108 -1.49 -26.29 4.89
N ILE D 109 -2.53 -25.63 4.37
CA ILE D 109 -2.35 -24.77 3.21
C ILE D 109 -2.60 -23.30 3.53
N ALA D 110 -1.62 -22.47 3.17
CA ALA D 110 -1.79 -21.03 3.22
C ALA D 110 -2.33 -20.52 1.89
N ALA D 111 -3.44 -19.79 1.97
CA ALA D 111 -4.07 -19.22 0.78
C ALA D 111 -4.05 -17.70 0.86
N ILE D 112 -3.28 -17.09 -0.05
CA ILE D 112 -3.08 -15.64 -0.04
C ILE D 112 -3.76 -14.99 -1.25
N THR D 113 -4.90 -14.37 -1.02
CA THR D 113 -5.68 -13.79 -2.11
C THR D 113 -5.33 -12.32 -2.35
N ARG D 114 -4.99 -12.00 -3.59
CA ARG D 114 -4.75 -10.61 -3.98
C ARG D 114 -6.05 -9.97 -4.41
N VAL D 115 -6.52 -8.99 -3.65
CA VAL D 115 -7.78 -8.34 -3.92
C VAL D 115 -7.58 -6.86 -4.29
N GLY D 116 -6.33 -6.45 -4.36
CA GLY D 116 -5.99 -5.09 -4.72
C GLY D 116 -4.52 -4.99 -5.11
N ASP D 117 -4.04 -3.77 -5.31
CA ASP D 117 -2.63 -3.55 -5.61
C ASP D 117 -1.76 -3.87 -4.40
N SER D 118 -2.25 -3.50 -3.22
CA SER D 118 -1.50 -3.72 -1.99
C SER D 118 -2.35 -4.43 -0.94
N ASP D 119 -3.54 -4.89 -1.33
CA ASP D 119 -4.47 -5.51 -0.40
C ASP D 119 -4.52 -7.04 -0.57
N TYR D 120 -4.33 -7.75 0.53
CA TYR D 120 -4.29 -9.21 0.50
C TYR D 120 -5.11 -9.81 1.63
N GLU D 121 -5.54 -11.06 1.44
CA GLU D 121 -6.30 -11.77 2.46
C GLU D 121 -5.69 -13.15 2.71
N LEU D 122 -5.47 -13.49 3.98
CA LEU D 122 -4.84 -14.76 4.32
C LEU D 122 -5.83 -15.74 4.95
N ARG D 123 -5.97 -16.90 4.32
CA ARG D 123 -6.80 -17.97 4.85
C ARG D 123 -5.99 -19.23 5.08
N ILE D 124 -6.18 -19.84 6.25
CA ILE D 124 -5.56 -21.13 6.54
C ILE D 124 -6.50 -22.26 6.19
N ILE D 125 -6.06 -23.13 5.28
CA ILE D 125 -6.87 -24.29 4.89
C ILE D 125 -6.35 -25.53 5.59
N LYS D 126 -7.12 -26.01 6.57
CA LYS D 126 -6.72 -27.17 7.36
C LYS D 126 -6.68 -28.44 6.53
N GLN D 127 -5.70 -29.29 6.81
CA GLN D 127 -5.55 -30.55 6.11
C GLN D 127 -6.70 -31.51 6.46
N GLY D 128 -7.13 -32.28 5.48
CA GLY D 128 -8.21 -33.23 5.68
C GLY D 128 -9.57 -32.65 5.34
N THR D 129 -9.60 -31.35 5.07
CA THR D 129 -10.84 -30.67 4.70
C THR D 129 -11.04 -30.78 3.18
N PRO D 130 -12.30 -30.78 2.73
CA PRO D 130 -12.61 -30.82 1.30
C PRO D 130 -11.95 -29.67 0.53
N GLU D 131 -11.89 -28.51 1.17
CA GLU D 131 -11.25 -27.35 0.56
C GLU D 131 -9.77 -27.61 0.33
N HIS D 132 -9.12 -28.22 1.32
CA HIS D 132 -7.73 -28.61 1.21
C HIS D 132 -7.51 -29.59 0.07
N SER D 133 -8.44 -30.53 -0.05
CA SER D 133 -8.37 -31.55 -1.09
C SER D 133 -8.52 -30.94 -2.48
N GLN D 134 -9.40 -29.95 -2.60
CA GLN D 134 -9.63 -29.30 -3.88
C GLN D 134 -8.49 -28.36 -4.26
N LEU D 135 -7.90 -27.72 -3.26
CA LEU D 135 -6.90 -26.69 -3.51
C LEU D 135 -5.48 -27.23 -3.67
N ASP D 136 -5.20 -28.36 -3.01
CA ASP D 136 -3.86 -28.96 -3.06
C ASP D 136 -3.32 -29.19 -4.49
N PRO D 137 -4.16 -29.69 -5.42
CA PRO D 137 -3.63 -29.89 -6.78
C PRO D 137 -3.16 -28.63 -7.49
N TYR D 138 -3.56 -27.46 -7.01
CA TYR D 138 -3.14 -26.19 -7.61
C TYR D 138 -1.73 -25.80 -7.18
N ALA D 139 -1.22 -26.46 -6.15
CA ALA D 139 0.16 -26.26 -5.70
C ALA D 139 1.08 -27.23 -6.43
N VAL D 140 1.51 -26.85 -7.64
CA VAL D 140 2.23 -27.77 -8.51
C VAL D 140 3.74 -27.57 -8.51
N SER D 141 4.18 -26.36 -8.19
CA SER D 141 5.62 -26.06 -8.23
C SER D 141 6.32 -26.48 -6.93
N PHE D 142 7.24 -27.42 -7.05
CA PHE D 142 8.01 -27.89 -5.90
C PHE D 142 9.18 -26.95 -5.60
N ILE D 143 9.20 -26.41 -4.39
CA ILE D 143 10.29 -25.55 -3.96
C ILE D 143 10.87 -26.03 -2.63
N GLY D 144 12.13 -25.69 -2.38
CA GLY D 144 12.80 -26.12 -1.16
C GLY D 144 13.09 -27.60 -1.17
N ASN D 145 13.65 -28.11 -0.08
CA ASN D 145 13.97 -29.53 0.00
C ASN D 145 13.25 -30.24 1.13
N ARG D 146 12.04 -29.79 1.44
CA ARG D 146 11.21 -30.44 2.45
C ARG D 146 9.81 -30.70 1.89
N GLY D 147 9.65 -30.51 0.58
CA GLY D 147 8.43 -30.87 -0.10
C GLY D 147 7.39 -29.78 -0.21
N LYS D 148 7.79 -28.53 -0.03
CA LYS D 148 6.85 -27.42 -0.14
C LYS D 148 6.40 -27.25 -1.59
N ARG D 149 5.11 -27.00 -1.78
CA ARG D 149 4.56 -26.76 -3.11
C ARG D 149 3.75 -25.48 -3.14
N PHE D 150 3.78 -24.78 -4.26
CA PHE D 150 2.97 -23.58 -4.42
C PHE D 150 2.42 -23.46 -5.83
N GLY D 151 1.45 -22.57 -5.99
CA GLY D 151 0.84 -22.33 -7.28
C GLY D 151 -0.16 -21.20 -7.19
N TYR D 152 -0.73 -20.81 -8.33
CA TYR D 152 -1.71 -19.75 -8.36
C TYR D 152 -3.06 -20.26 -8.84
N ILE D 153 -4.12 -19.59 -8.43
CA ILE D 153 -5.48 -19.98 -8.83
C ILE D 153 -6.37 -18.75 -8.93
N SER D 154 -7.18 -18.68 -9.99
CA SER D 154 -8.08 -17.55 -10.17
C SER D 154 -8.95 -17.32 -8.95
N ASN D 155 -9.16 -16.06 -8.59
CA ASN D 155 -9.96 -15.70 -7.42
C ASN D 155 -11.39 -16.24 -7.53
N GLU D 156 -11.88 -16.35 -8.76
CA GLU D 156 -13.20 -16.89 -9.02
C GLU D 156 -13.33 -18.33 -8.51
N GLU D 157 -12.49 -19.21 -9.05
CA GLU D 157 -12.55 -20.63 -8.71
C GLU D 157 -12.23 -20.87 -7.25
N PHE D 158 -11.26 -20.12 -6.73
CA PHE D 158 -10.91 -20.17 -5.33
C PHE D 158 -12.14 -19.87 -4.48
N GLY D 159 -12.84 -18.82 -4.87
CA GLY D 159 -14.05 -18.41 -4.19
C GLY D 159 -15.14 -19.47 -4.26
N ARG D 160 -15.24 -20.14 -5.42
CA ARG D 160 -16.18 -21.24 -5.57
C ARG D 160 -15.87 -22.35 -4.58
N ILE D 161 -14.60 -22.72 -4.51
CA ILE D 161 -14.17 -23.82 -3.65
C ILE D 161 -14.37 -23.51 -2.17
N ILE D 162 -14.09 -22.27 -1.77
CA ILE D 162 -14.23 -21.90 -0.36
C ILE D 162 -15.58 -21.24 -0.05
N GLY D 163 -16.41 -21.05 -1.07
CA GLY D 163 -17.73 -20.48 -0.89
C GLY D 163 -17.70 -18.99 -0.55
N VAL D 164 -17.06 -18.22 -1.41
CA VAL D 164 -16.90 -16.78 -1.21
C VAL D 164 -16.88 -16.08 -2.58
N THR D 165 -17.46 -14.90 -2.67
CA THR D 165 -17.40 -14.16 -3.93
C THR D 165 -16.48 -12.95 -3.82
N PHE D 166 -15.51 -12.87 -4.73
CA PHE D 166 -14.57 -11.74 -4.76
C PHE D 166 -14.98 -10.73 -5.84
#